data_4CUB
#
_entry.id   4CUB
#
_cell.length_a   70.530
_cell.length_b   70.530
_cell.length_c   161.560
_cell.angle_alpha   90.00
_cell.angle_beta   90.00
_cell.angle_gamma   90.00
#
_symmetry.space_group_name_H-M   'P 43 21 2'
#
loop_
_entity.id
_entity.type
_entity.pdbx_description
1 polymer BETA-GALACTOSIDASE
2 branched beta-D-galactopyranose-(1-4)-2-acetamido-2-deoxy-beta-D-glucopyranose
3 non-polymer 'CALCIUM ION'
4 non-polymer 1,2-ETHANEDIOL
5 water water
#
_entity_poly.entity_id   1
_entity_poly.type   'polypeptide(L)'
_entity_poly.pdbx_seq_one_letter_code
;QTEQGANISDQWTGSELPLAFASDSNPSDPVSNVNDKLISYNNQPANRWTNWNRSNPEASVGVLFGDSGILSKRSVDNLS
VGFHEDHGVGAPKSYVIEYYVGKTVPTAPKNPSFVGNEDHVFNDSANWKPVTNLKAPAQLKAGEMNHFSFDKVETYAIRI
RMVKADNKRGTSITEVQIFAKQV
;
_entity_poly.pdbx_strand_id   A,B
#
# COMPACT_ATOMS: atom_id res chain seq x y z
N GLN A 4 1.82 -7.91 -12.27
CA GLN A 4 0.60 -7.13 -11.89
C GLN A 4 0.27 -6.02 -12.91
N GLY A 5 -0.90 -6.15 -13.54
CA GLY A 5 -1.36 -5.20 -14.53
C GLY A 5 -1.95 -3.92 -13.96
N ALA A 6 -2.74 -3.24 -14.79
CA ALA A 6 -3.36 -1.95 -14.49
C ALA A 6 -4.30 -2.03 -13.26
N ASN A 7 -4.21 -1.01 -12.40
CA ASN A 7 -5.20 -0.83 -11.34
C ASN A 7 -6.45 -0.22 -11.97
N ILE A 8 -7.49 -1.02 -12.10
CA ILE A 8 -8.72 -0.64 -12.77
C ILE A 8 -9.81 -0.19 -11.77
N SER A 9 -9.45 -0.11 -10.49
CA SER A 9 -10.39 0.49 -9.52
C SER A 9 -10.15 1.94 -9.04
N ASP A 10 -8.90 2.41 -9.08
CA ASP A 10 -8.59 3.79 -8.66
C ASP A 10 -9.41 4.86 -9.36
N GLN A 11 -9.90 5.84 -8.58
CA GLN A 11 -10.48 7.08 -9.13
C GLN A 11 -9.45 7.75 -10.01
N TRP A 12 -9.90 8.39 -11.10
CA TRP A 12 -9.09 9.31 -11.88
C TRP A 12 -9.70 10.72 -11.88
N THR A 13 -8.86 11.74 -11.66
CA THR A 13 -9.31 13.13 -11.56
C THR A 13 -10.05 13.63 -12.82
N GLY A 14 -11.23 14.20 -12.62
CA GLY A 14 -12.08 14.69 -13.71
C GLY A 14 -12.76 13.57 -14.50
N SER A 15 -12.75 12.35 -13.96
CA SER A 15 -13.43 11.22 -14.59
C SER A 15 -14.44 10.66 -13.63
N GLU A 16 -15.61 10.35 -14.17
CA GLU A 16 -16.70 9.76 -13.43
C GLU A 16 -16.38 8.30 -13.10
N LEU A 17 -15.66 7.63 -14.01
CA LEU A 17 -15.38 6.19 -13.94
C LEU A 17 -13.89 5.93 -13.94
N PRO A 18 -13.44 4.92 -13.16
CA PRO A 18 -14.31 4.03 -12.37
C PRO A 18 -14.90 4.70 -11.11
N LEU A 19 -16.00 4.15 -10.63
CA LEU A 19 -16.79 4.74 -9.57
C LEU A 19 -17.07 3.69 -8.53
N ALA A 20 -16.76 4.00 -7.27
CA ALA A 20 -17.12 3.17 -6.13
C ALA A 20 -18.56 3.40 -5.79
N PHE A 21 -19.26 2.34 -5.39
CA PHE A 21 -20.66 2.48 -4.97
C PHE A 21 -20.94 1.59 -3.76
N ALA A 22 -21.98 1.92 -2.99
CA ALA A 22 -22.40 1.09 -1.85
C ALA A 22 -23.93 1.08 -1.74
N SER A 23 -24.52 -0.01 -1.24
CA SER A 23 -25.97 -0.05 -1.00
C SER A 23 -26.39 1.08 -0.03
N ASP A 24 -25.56 1.32 0.99
CA ASP A 24 -25.80 2.31 2.04
C ASP A 24 -24.50 2.63 2.75
N SER A 25 -24.40 3.78 3.42
CA SER A 25 -23.19 4.20 4.14
C SER A 25 -23.48 5.08 5.35
N ASN A 26 -22.57 5.07 6.33
CA ASN A 26 -22.47 6.15 7.31
C ASN A 26 -22.10 7.43 6.56
N PRO A 27 -22.95 8.48 6.65
CA PRO A 27 -22.77 9.65 5.80
C PRO A 27 -21.41 10.32 5.87
N SER A 28 -20.78 10.37 7.04
CA SER A 28 -19.43 10.94 7.11
C SER A 28 -18.33 9.97 6.62
N ASP A 29 -18.69 8.73 6.28
CA ASP A 29 -17.77 7.74 5.63
C ASP A 29 -18.23 7.34 4.22
N PRO A 30 -18.23 8.29 3.27
CA PRO A 30 -18.76 8.04 1.92
C PRO A 30 -17.96 6.93 1.17
N VAL A 31 -18.61 6.20 0.26
CA VAL A 31 -17.96 5.05 -0.40
C VAL A 31 -16.84 5.47 -1.37
N SER A 32 -16.82 6.74 -1.78
CA SER A 32 -15.71 7.30 -2.59
C SER A 32 -14.34 7.21 -1.88
N ASN A 33 -14.35 7.10 -0.54
CA ASN A 33 -13.14 6.81 0.25
C ASN A 33 -12.39 5.49 -0.09
N VAL A 34 -13.10 4.43 -0.51
CA VAL A 34 -12.50 3.12 -0.84
C VAL A 34 -11.66 3.03 -2.14
N ASN A 35 -11.73 4.03 -3.02
CA ASN A 35 -10.87 4.03 -4.21
C ASN A 35 -10.12 5.34 -4.46
N ASP A 36 -9.83 6.07 -3.38
CA ASP A 36 -9.15 7.34 -3.52
C ASP A 36 -7.63 7.24 -3.35
N LYS A 37 -7.11 6.02 -3.30
CA LYS A 37 -5.65 5.79 -3.09
C LYS A 37 -5.10 6.24 -1.74
N LEU A 38 -5.95 6.60 -0.79
CA LEU A 38 -5.50 6.76 0.59
C LEU A 38 -5.84 5.50 1.38
N ILE A 39 -4.85 5.01 2.13
CA ILE A 39 -5.03 3.82 2.96
C ILE A 39 -4.69 4.23 4.40
N SER A 40 -5.69 4.16 5.28
CA SER A 40 -5.51 4.49 6.70
C SER A 40 -6.24 3.50 7.60
N TYR A 41 -5.53 2.92 8.56
CA TYR A 41 -6.13 2.02 9.52
C TYR A 41 -6.38 2.68 10.88
N ASN A 42 -6.29 4.02 10.91
CA ASN A 42 -6.54 4.82 12.11
C ASN A 42 -7.30 6.12 11.80
N ASN A 43 -7.20 7.13 12.67
CA ASN A 43 -7.94 8.40 12.50
C ASN A 43 -7.01 9.55 12.14
N GLN A 44 -5.81 9.19 11.69
CA GLN A 44 -4.79 10.18 11.37
C GLN A 44 -4.19 9.98 9.97
N PRO A 45 -4.99 10.21 8.92
CA PRO A 45 -6.38 10.67 8.97
C PRO A 45 -7.38 9.50 8.94
N ALA A 46 -8.62 9.78 9.32
CA ALA A 46 -9.70 8.84 9.16
C ALA A 46 -10.08 8.84 7.67
N ASN A 47 -10.04 7.65 7.08
CA ASN A 47 -10.34 7.48 5.67
C ASN A 47 -10.92 6.11 5.45
N ARG A 48 -12.22 6.05 5.21
CA ARG A 48 -12.91 4.74 5.18
C ARG A 48 -14.35 4.85 4.77
N TRP A 49 -14.86 3.79 4.15
CA TRP A 49 -16.29 3.60 4.02
C TRP A 49 -16.68 2.78 5.24
N THR A 50 -17.85 3.08 5.83
CA THR A 50 -18.44 2.19 6.85
C THR A 50 -19.92 2.30 6.73
N ASN A 51 -20.64 1.27 7.20
CA ASN A 51 -22.05 1.44 7.50
C ASN A 51 -22.34 1.49 9.02
N TRP A 52 -21.45 2.15 9.78
CA TRP A 52 -21.61 2.26 11.24
C TRP A 52 -22.96 2.87 11.62
N ASN A 53 -23.76 2.16 12.43
CA ASN A 53 -24.99 2.69 12.99
C ASN A 53 -26.04 2.94 11.93
N ARG A 54 -25.92 2.25 10.80
CA ARG A 54 -26.96 2.24 9.79
C ARG A 54 -27.95 1.09 10.12
N SER A 55 -29.16 1.14 9.55
CA SER A 55 -30.24 0.21 9.93
C SER A 55 -30.10 -1.23 9.44
N ASN A 56 -29.52 -1.42 8.26
CA ASN A 56 -29.29 -2.77 7.74
C ASN A 56 -27.89 -3.28 8.13
N PRO A 57 -27.81 -4.44 8.80
CA PRO A 57 -26.51 -5.06 9.15
C PRO A 57 -25.73 -5.51 7.91
N GLU A 58 -26.42 -5.69 6.78
CA GLU A 58 -25.76 -6.08 5.55
C GLU A 58 -25.68 -4.91 4.59
N ALA A 59 -24.52 -4.78 3.92
CA ALA A 59 -24.30 -3.78 2.87
C ALA A 59 -23.24 -4.26 1.87
N SER A 60 -23.40 -3.83 0.60
CA SER A 60 -22.38 -4.08 -0.43
C SER A 60 -21.57 -2.84 -0.81
N VAL A 61 -20.31 -3.08 -1.22
CA VAL A 61 -19.44 -2.06 -1.78
C VAL A 61 -18.88 -2.62 -3.10
N GLY A 62 -18.91 -1.79 -4.15
CA GLY A 62 -18.49 -2.23 -5.49
C GLY A 62 -17.79 -1.17 -6.32
N VAL A 63 -17.26 -1.56 -7.48
CA VAL A 63 -16.62 -0.64 -8.42
C VAL A 63 -17.33 -0.84 -9.75
N LEU A 64 -17.77 0.26 -10.34
CA LEU A 64 -18.32 0.26 -11.68
C LEU A 64 -17.21 0.71 -12.63
N PHE A 65 -16.86 -0.10 -13.62
CA PHE A 65 -15.60 0.14 -14.39
C PHE A 65 -15.63 1.20 -15.47
N GLY A 66 -14.44 1.77 -15.73
CA GLY A 66 -14.30 2.73 -16.81
C GLY A 66 -13.07 2.49 -17.66
N ASP A 67 -13.13 2.97 -18.90
CA ASP A 67 -11.92 3.09 -19.75
C ASP A 67 -11.89 4.48 -20.36
N SER A 68 -10.89 5.28 -19.99
CA SER A 68 -10.68 6.61 -20.58
C SER A 68 -11.88 7.54 -20.39
N GLY A 69 -12.57 7.45 -19.25
CA GLY A 69 -13.69 8.34 -18.97
C GLY A 69 -15.08 7.76 -19.19
N ILE A 70 -15.18 6.68 -19.97
CA ILE A 70 -16.48 6.10 -20.27
C ILE A 70 -16.62 4.65 -19.78
N LEU A 71 -17.86 4.21 -19.64
CA LEU A 71 -18.20 2.86 -19.16
C LEU A 71 -17.56 1.76 -20.00
N SER A 72 -17.07 0.73 -19.32
CA SER A 72 -16.33 -0.36 -19.95
C SER A 72 -16.45 -1.63 -19.15
N LYS A 73 -16.63 -2.73 -19.87
CA LYS A 73 -16.53 -4.05 -19.26
C LYS A 73 -15.05 -4.32 -19.04
N ARG A 74 -14.74 -4.98 -17.93
CA ARG A 74 -13.37 -5.40 -17.64
C ARG A 74 -13.32 -6.90 -17.38
N SER A 75 -12.19 -7.50 -17.74
CA SER A 75 -11.91 -8.89 -17.41
C SER A 75 -11.31 -8.97 -16.00
N VAL A 76 -12.06 -9.53 -15.04
CA VAL A 76 -11.70 -9.47 -13.63
C VAL A 76 -11.52 -10.85 -13.01
N ASP A 77 -10.40 -11.05 -12.31
CA ASP A 77 -10.14 -12.32 -11.61
C ASP A 77 -9.59 -12.12 -10.21
N ASN A 78 -9.69 -10.89 -9.69
CA ASN A 78 -9.15 -10.57 -8.37
C ASN A 78 -9.84 -9.39 -7.66
N LEU A 79 -9.64 -9.32 -6.36
CA LEU A 79 -10.11 -8.20 -5.55
C LEU A 79 -9.25 -8.19 -4.30
N SER A 80 -8.85 -7.00 -3.88
N SER A 80 -8.81 -7.01 -3.88
CA SER A 80 -8.15 -6.80 -2.61
CA SER A 80 -8.12 -6.81 -2.60
C SER A 80 -8.92 -5.80 -1.75
C SER A 80 -8.93 -5.82 -1.76
N VAL A 81 -9.12 -6.14 -0.48
CA VAL A 81 -9.91 -5.28 0.44
C VAL A 81 -9.13 -5.02 1.74
N GLY A 82 -8.87 -3.75 2.06
CA GLY A 82 -8.24 -3.42 3.35
C GLY A 82 -9.28 -3.06 4.40
N PHE A 83 -9.65 -4.04 5.24
CA PHE A 83 -10.63 -3.79 6.31
C PHE A 83 -10.01 -2.99 7.47
N HIS A 84 -10.79 -2.05 8.01
CA HIS A 84 -10.43 -1.26 9.17
C HIS A 84 -11.26 -1.69 10.39
N GLU A 85 -10.66 -1.57 11.59
N GLU A 85 -10.66 -1.58 11.58
CA GLU A 85 -11.37 -1.88 12.85
CA GLU A 85 -11.43 -1.79 12.81
C GLU A 85 -11.12 -0.81 13.93
C GLU A 85 -11.15 -0.72 13.86
N ASP A 86 -12.17 -0.44 14.67
CA ASP A 86 -11.99 0.30 15.93
C ASP A 86 -13.02 -0.31 16.91
N HIS A 87 -13.37 0.39 17.99
CA HIS A 87 -14.30 -0.17 18.98
C HIS A 87 -15.66 -0.52 18.39
N GLY A 88 -16.08 0.21 17.35
CA GLY A 88 -17.42 0.07 16.80
C GLY A 88 -17.55 -0.50 15.39
N VAL A 89 -16.45 -0.51 14.61
CA VAL A 89 -16.48 -1.14 13.26
C VAL A 89 -15.37 -2.19 13.10
N GLY A 90 -15.50 -3.04 12.08
CA GLY A 90 -14.54 -4.13 11.84
C GLY A 90 -14.78 -4.85 10.52
N ALA A 91 -13.94 -5.86 10.24
CA ALA A 91 -14.23 -6.81 9.16
C ALA A 91 -15.58 -7.51 9.39
N PRO A 92 -16.26 -7.93 8.31
CA PRO A 92 -17.56 -8.56 8.41
C PRO A 92 -17.46 -10.05 8.79
N LYS A 93 -18.53 -10.59 9.35
CA LYS A 93 -18.57 -12.00 9.75
C LYS A 93 -18.83 -12.94 8.57
N SER A 94 -19.50 -12.44 7.54
CA SER A 94 -19.72 -13.20 6.31
C SER A 94 -19.78 -12.27 5.11
N TYR A 95 -19.55 -12.82 3.92
CA TYR A 95 -19.49 -12.05 2.65
C TYR A 95 -19.72 -12.93 1.40
N VAL A 96 -20.34 -12.37 0.36
CA VAL A 96 -20.35 -12.95 -0.98
C VAL A 96 -19.68 -11.96 -1.94
N ILE A 97 -18.90 -12.48 -2.88
CA ILE A 97 -18.29 -11.68 -3.94
C ILE A 97 -19.04 -12.00 -5.24
N GLU A 98 -19.63 -10.95 -5.81
N GLU A 98 -19.66 -10.98 -5.81
CA GLU A 98 -20.59 -11.07 -6.91
CA GLU A 98 -20.53 -11.19 -6.96
C GLU A 98 -20.19 -10.20 -8.10
C GLU A 98 -20.21 -10.22 -8.09
N TYR A 99 -20.64 -10.57 -9.30
CA TYR A 99 -20.35 -9.78 -10.51
C TYR A 99 -21.63 -9.53 -11.31
N TYR A 100 -21.64 -8.44 -12.08
CA TYR A 100 -22.86 -7.97 -12.78
C TYR A 100 -23.13 -8.75 -14.07
N VAL A 101 -24.36 -9.26 -14.19
CA VAL A 101 -24.79 -10.02 -15.37
C VAL A 101 -26.04 -9.44 -16.06
N GLY A 102 -26.58 -8.36 -15.52
CA GLY A 102 -27.77 -7.74 -16.09
C GLY A 102 -27.65 -7.45 -17.58
N LYS A 103 -28.70 -7.76 -18.34
CA LYS A 103 -28.72 -7.40 -19.76
C LYS A 103 -28.72 -5.88 -19.95
N THR A 104 -29.27 -5.16 -18.96
CA THR A 104 -29.30 -3.70 -19.02
C THR A 104 -27.93 -3.11 -18.66
N VAL A 105 -27.46 -2.24 -19.52
CA VAL A 105 -26.19 -1.54 -19.30
C VAL A 105 -26.35 -0.60 -18.08
N PRO A 106 -25.50 -0.75 -17.04
CA PRO A 106 -25.69 0.07 -15.85
C PRO A 106 -25.28 1.52 -16.04
N THR A 107 -26.01 2.43 -15.38
CA THR A 107 -25.68 3.84 -15.36
C THR A 107 -24.98 4.14 -14.03
N ALA A 108 -24.30 5.29 -13.92
CA ALA A 108 -23.73 5.71 -12.65
C ALA A 108 -24.86 6.05 -11.68
N PRO A 109 -24.83 5.50 -10.44
CA PRO A 109 -25.90 5.89 -9.53
C PRO A 109 -25.92 7.41 -9.31
N LYS A 110 -27.07 7.95 -8.92
CA LYS A 110 -27.14 9.40 -8.66
C LYS A 110 -26.48 9.72 -7.33
N ASN A 111 -26.64 8.81 -6.39
N ASN A 111 -26.63 8.80 -6.38
CA ASN A 111 -26.02 8.92 -5.08
CA ASN A 111 -26.07 8.91 -5.03
C ASN A 111 -25.33 7.58 -4.74
C ASN A 111 -25.29 7.64 -4.62
N PRO A 112 -24.07 7.44 -5.18
CA PRO A 112 -23.32 6.15 -5.12
C PRO A 112 -23.07 5.58 -3.72
N SER A 113 -23.05 6.45 -2.69
CA SER A 113 -22.89 5.98 -1.31
C SER A 113 -24.15 5.36 -0.72
N PHE A 114 -25.28 5.52 -1.41
CA PHE A 114 -26.63 5.08 -0.94
C PHE A 114 -27.42 4.55 -2.13
N VAL A 115 -26.89 3.57 -2.86
CA VAL A 115 -27.61 3.02 -4.03
C VAL A 115 -28.99 2.42 -3.67
N GLY A 116 -29.14 1.90 -2.45
CA GLY A 116 -30.43 1.30 -2.07
C GLY A 116 -31.58 2.30 -2.02
N ASN A 117 -31.27 3.60 -2.05
CA ASN A 117 -32.26 4.69 -1.88
C ASN A 117 -32.78 5.26 -3.22
N GLU A 118 -32.36 4.64 -4.33
CA GLU A 118 -32.80 5.04 -5.65
C GLU A 118 -33.06 3.82 -6.53
N ASP A 119 -33.83 4.01 -7.61
CA ASP A 119 -34.10 2.96 -8.60
C ASP A 119 -32.86 2.74 -9.46
N HIS A 120 -32.31 1.54 -9.39
CA HIS A 120 -31.04 1.19 -10.07
C HIS A 120 -30.92 -0.32 -10.25
N VAL A 121 -30.38 -0.73 -11.39
CA VAL A 121 -30.14 -2.16 -11.72
C VAL A 121 -29.37 -2.96 -10.67
N PHE A 122 -28.51 -2.28 -9.92
CA PHE A 122 -27.71 -2.94 -8.86
C PHE A 122 -28.57 -3.49 -7.74
N ASN A 123 -29.74 -2.89 -7.54
CA ASN A 123 -30.65 -3.30 -6.46
C ASN A 123 -31.45 -4.55 -6.80
N ASP A 124 -31.42 -4.99 -8.06
CA ASP A 124 -32.09 -6.22 -8.47
C ASP A 124 -31.15 -7.41 -8.41
N SER A 125 -31.41 -8.34 -7.49
CA SER A 125 -30.53 -9.51 -7.30
C SER A 125 -30.42 -10.45 -8.53
N ALA A 126 -31.36 -10.35 -9.48
CA ALA A 126 -31.25 -11.12 -10.73
C ALA A 126 -30.11 -10.60 -11.60
N ASN A 127 -29.59 -9.42 -11.28
CA ASN A 127 -28.48 -8.84 -12.06
C ASN A 127 -27.09 -9.22 -11.55
N TRP A 128 -27.01 -10.12 -10.58
CA TRP A 128 -25.74 -10.51 -9.99
C TRP A 128 -25.56 -12.03 -9.95
N LYS A 129 -24.33 -12.51 -10.18
CA LYS A 129 -23.98 -13.90 -9.82
C LYS A 129 -22.71 -13.97 -8.96
N PRO A 130 -22.59 -15.03 -8.15
CA PRO A 130 -21.40 -15.18 -7.30
C PRO A 130 -20.20 -15.55 -8.19
N VAL A 131 -19.00 -15.11 -7.81
CA VAL A 131 -17.79 -15.57 -8.49
C VAL A 131 -17.60 -17.06 -8.22
N THR A 132 -16.82 -17.73 -9.06
CA THR A 132 -16.61 -19.17 -8.92
C THR A 132 -15.16 -19.49 -8.64
N ASN A 133 -14.96 -20.60 -7.95
CA ASN A 133 -13.63 -21.06 -7.51
C ASN A 133 -12.87 -19.94 -6.76
N LEU A 134 -13.54 -19.39 -5.75
CA LEU A 134 -12.97 -18.33 -4.92
C LEU A 134 -11.79 -18.85 -4.10
N LYS A 135 -10.66 -18.14 -4.15
CA LYS A 135 -9.59 -18.35 -3.17
C LYS A 135 -9.53 -17.10 -2.30
N ALA A 136 -9.64 -17.31 -0.98
CA ALA A 136 -9.80 -16.20 -0.04
C ALA A 136 -8.92 -16.51 1.17
N PRO A 137 -8.65 -15.52 2.05
CA PRO A 137 -7.99 -15.86 3.33
C PRO A 137 -8.87 -16.76 4.18
N ALA A 138 -8.28 -17.67 4.94
CA ALA A 138 -9.04 -18.54 5.86
C ALA A 138 -9.81 -17.72 6.90
N GLN A 139 -9.23 -16.59 7.32
CA GLN A 139 -9.90 -15.62 8.20
C GLN A 139 -9.60 -14.18 7.73
N LEU A 140 -10.65 -13.35 7.60
CA LEU A 140 -10.47 -11.96 7.19
C LEU A 140 -9.77 -11.18 8.32
N LYS A 141 -8.91 -10.22 7.97
CA LYS A 141 -8.23 -9.43 9.01
C LYS A 141 -8.23 -7.95 8.70
N ALA A 142 -8.62 -7.17 9.71
CA ALA A 142 -8.44 -5.73 9.68
C ALA A 142 -6.95 -5.42 9.72
N GLY A 143 -6.57 -4.28 9.16
CA GLY A 143 -5.17 -3.86 9.27
C GLY A 143 -4.22 -4.30 8.17
N GLU A 144 -4.75 -4.81 7.05
CA GLU A 144 -3.96 -5.25 5.87
C GLU A 144 -4.91 -5.46 4.71
N MET A 145 -4.38 -5.47 3.48
CA MET A 145 -5.16 -5.79 2.28
C MET A 145 -5.39 -7.29 2.22
N ASN A 146 -6.66 -7.68 2.19
CA ASN A 146 -7.05 -9.09 2.15
C ASN A 146 -7.27 -9.42 0.67
N HIS A 147 -6.58 -10.46 0.19
CA HIS A 147 -6.56 -10.77 -1.23
C HIS A 147 -7.48 -11.91 -1.61
N PHE A 148 -8.22 -11.70 -2.69
CA PHE A 148 -9.21 -12.63 -3.18
C PHE A 148 -8.89 -12.86 -4.64
N SER A 149 -9.07 -14.08 -5.12
CA SER A 149 -9.03 -14.35 -6.57
C SER A 149 -10.08 -15.38 -6.96
N PHE A 150 -10.46 -15.41 -8.24
CA PHE A 150 -11.56 -16.25 -8.69
C PHE A 150 -11.52 -16.39 -10.21
N ASP A 151 -12.38 -17.25 -10.76
CA ASP A 151 -12.48 -17.38 -12.23
C ASP A 151 -12.68 -16.02 -12.94
N LYS A 152 -11.90 -15.78 -13.98
CA LYS A 152 -11.95 -14.56 -14.78
C LYS A 152 -13.35 -14.34 -15.39
N VAL A 153 -13.89 -13.15 -15.18
CA VAL A 153 -15.20 -12.76 -15.74
C VAL A 153 -15.10 -11.40 -16.45
N GLU A 154 -15.91 -11.25 -17.50
N GLU A 154 -15.91 -11.23 -17.49
CA GLU A 154 -16.07 -10.00 -18.23
CA GLU A 154 -16.02 -9.98 -18.21
C GLU A 154 -17.28 -9.29 -17.64
C GLU A 154 -17.26 -9.25 -17.70
N THR A 155 -17.04 -8.19 -16.93
CA THR A 155 -18.15 -7.49 -16.26
C THR A 155 -18.00 -5.96 -16.22
N TYR A 156 -19.15 -5.29 -16.11
CA TYR A 156 -19.20 -3.85 -15.88
C TYR A 156 -18.90 -3.54 -14.42
N ALA A 157 -19.11 -4.50 -13.53
CA ALA A 157 -19.02 -4.23 -12.10
C ALA A 157 -18.84 -5.48 -11.28
N ILE A 158 -18.03 -5.39 -10.22
CA ILE A 158 -18.08 -6.40 -9.16
C ILE A 158 -18.36 -5.74 -7.79
N ARG A 159 -18.98 -6.48 -6.87
CA ARG A 159 -19.15 -5.97 -5.52
C ARG A 159 -18.89 -7.03 -4.47
N ILE A 160 -18.57 -6.58 -3.27
CA ILE A 160 -18.50 -7.48 -2.12
C ILE A 160 -19.67 -7.17 -1.14
N ARG A 161 -20.47 -8.18 -0.83
CA ARG A 161 -21.69 -7.99 -0.03
C ARG A 161 -21.53 -8.64 1.34
N MET A 162 -21.64 -7.83 2.39
CA MET A 162 -21.10 -8.15 3.70
C MET A 162 -22.08 -7.95 4.86
N VAL A 163 -22.06 -8.86 5.83
CA VAL A 163 -22.86 -8.72 7.05
C VAL A 163 -21.88 -8.42 8.18
N LYS A 164 -22.16 -7.39 8.99
CA LYS A 164 -21.29 -6.96 10.07
C LYS A 164 -21.11 -8.03 11.15
N ALA A 165 -19.96 -8.00 11.83
CA ALA A 165 -19.77 -8.86 13.00
C ALA A 165 -20.77 -8.45 14.09
N ASP A 166 -21.24 -9.44 14.84
CA ASP A 166 -22.22 -9.27 15.94
C ASP A 166 -21.77 -8.29 17.03
N ASN A 167 -20.46 -8.24 17.28
CA ASN A 167 -19.93 -7.37 18.32
C ASN A 167 -19.55 -5.95 17.82
N LYS A 168 -20.02 -5.55 16.63
CA LYS A 168 -19.70 -4.24 16.03
C LYS A 168 -20.96 -3.53 15.56
N ARG A 169 -20.86 -2.23 15.28
CA ARG A 169 -22.02 -1.47 14.73
C ARG A 169 -21.94 -1.23 13.21
N GLY A 170 -20.90 -1.77 12.58
CA GLY A 170 -20.79 -1.74 11.11
C GLY A 170 -19.57 -2.43 10.54
N THR A 171 -19.53 -2.52 9.20
CA THR A 171 -18.37 -3.05 8.49
C THR A 171 -17.57 -1.82 8.03
N SER A 172 -16.26 -1.97 7.83
CA SER A 172 -15.39 -0.85 7.55
C SER A 172 -14.32 -1.22 6.55
N ILE A 173 -14.12 -0.36 5.54
CA ILE A 173 -13.10 -0.58 4.49
C ILE A 173 -12.35 0.75 4.18
N THR A 174 -11.04 0.75 4.33
CA THR A 174 -10.29 1.96 3.96
C THR A 174 -10.01 2.10 2.44
N GLU A 175 -9.87 0.96 1.75
CA GLU A 175 -9.49 0.93 0.33
C GLU A 175 -9.75 -0.45 -0.28
N VAL A 176 -10.23 -0.49 -1.52
CA VAL A 176 -10.17 -1.72 -2.32
C VAL A 176 -9.25 -1.48 -3.52
N GLN A 177 -8.77 -2.58 -4.11
CA GLN A 177 -7.94 -2.54 -5.32
C GLN A 177 -8.24 -3.74 -6.21
N ILE A 178 -8.53 -3.44 -7.47
CA ILE A 178 -8.77 -4.45 -8.51
C ILE A 178 -7.77 -4.24 -9.65
N PHE A 179 -7.19 -5.33 -10.17
CA PHE A 179 -6.12 -5.25 -11.17
C PHE A 179 -6.48 -6.05 -12.44
N ALA A 180 -6.21 -5.45 -13.60
CA ALA A 180 -6.34 -6.16 -14.89
C ALA A 180 -5.18 -7.14 -15.05
N LYS A 181 -5.37 -8.17 -15.86
CA LYS A 181 -4.32 -9.17 -16.15
C LYS A 181 -3.16 -8.51 -16.85
N GLN A 182 -1.93 -8.92 -16.47
CA GLN A 182 -0.67 -8.20 -16.77
C GLN A 182 -0.54 -7.58 -18.16
N GLU B 3 38.72 0.00 7.90
CA GLU B 3 37.41 -0.62 7.54
C GLU B 3 36.25 0.14 8.18
N GLN B 4 35.07 0.01 7.58
CA GLN B 4 33.86 0.68 8.03
C GLN B 4 33.18 0.04 9.24
N GLY B 5 33.57 -1.19 9.60
CA GLY B 5 32.93 -1.91 10.71
C GLY B 5 32.04 -3.03 10.17
N ALA B 6 31.10 -3.51 10.97
CA ALA B 6 30.21 -4.56 10.48
C ALA B 6 29.11 -3.98 9.59
N ASN B 7 28.84 -4.64 8.48
CA ASN B 7 27.70 -4.27 7.62
C ASN B 7 26.42 -4.78 8.28
N ILE B 8 25.65 -3.83 8.82
CA ILE B 8 24.46 -4.14 9.60
C ILE B 8 23.16 -3.98 8.79
N SER B 9 23.27 -3.86 7.47
CA SER B 9 22.07 -3.84 6.63
C SER B 9 21.84 -5.08 5.71
N ASP B 10 22.91 -5.75 5.29
CA ASP B 10 22.82 -6.91 4.38
C ASP B 10 21.88 -7.99 4.95
N GLN B 11 21.04 -8.57 4.10
CA GLN B 11 20.29 -9.80 4.43
C GLN B 11 21.26 -10.93 4.81
N TRP B 12 20.79 -11.79 5.70
CA TRP B 12 21.47 -13.03 6.06
C TRP B 12 20.48 -14.19 5.83
N THR B 13 20.91 -15.17 5.03
CA THR B 13 20.09 -16.35 4.70
C THR B 13 19.53 -16.95 5.98
N GLY B 14 18.22 -17.21 5.96
CA GLY B 14 17.52 -17.83 7.11
C GLY B 14 17.08 -16.88 8.23
N SER B 15 17.60 -15.65 8.22
CA SER B 15 17.17 -14.67 9.23
C SER B 15 16.24 -13.58 8.64
N GLU B 16 15.13 -13.31 9.34
CA GLU B 16 14.21 -12.25 8.93
C GLU B 16 14.85 -10.85 9.02
N LEU B 17 15.68 -10.67 10.03
CA LEU B 17 16.34 -9.40 10.32
C LEU B 17 17.87 -9.50 10.13
N PRO B 18 18.50 -8.45 9.54
CA PRO B 18 17.86 -7.19 9.18
C PRO B 18 17.03 -7.29 7.93
N LEU B 19 16.06 -6.40 7.81
CA LEU B 19 15.07 -6.45 6.76
C LEU B 19 14.87 -5.05 6.18
N ALA B 20 14.85 -4.94 4.86
CA ALA B 20 14.60 -3.66 4.22
C ALA B 20 13.09 -3.49 4.17
N PHE B 21 12.63 -2.24 4.16
CA PHE B 21 11.19 -1.93 4.05
C PHE B 21 11.01 -0.60 3.33
N ALA B 22 9.84 -0.44 2.67
CA ALA B 22 9.49 0.76 1.95
C ALA B 22 8.01 1.09 2.17
N SER B 23 7.67 2.38 2.12
CA SER B 23 6.28 2.84 2.19
C SER B 23 5.47 2.25 1.03
N ASP B 24 6.10 2.19 -0.14
CA ASP B 24 5.46 1.73 -1.37
C ASP B 24 6.52 1.43 -2.46
N SER B 25 6.22 0.54 -3.40
CA SER B 25 7.19 0.10 -4.43
C SER B 25 6.49 -0.14 -5.77
N ASN B 26 7.22 0.07 -6.88
CA ASN B 26 6.90 -0.58 -8.13
C ASN B 26 7.02 -2.10 -7.90
N PRO B 27 5.95 -2.87 -8.15
CA PRO B 27 5.94 -4.28 -7.84
C PRO B 27 7.12 -5.10 -8.40
N SER B 28 7.58 -4.85 -9.63
CA SER B 28 8.72 -5.62 -10.16
C SER B 28 10.06 -5.18 -9.58
N ASP B 29 10.02 -4.21 -8.66
CA ASP B 29 11.22 -3.69 -8.00
C ASP B 29 11.10 -3.73 -6.45
N PRO B 30 11.02 -4.95 -5.87
CA PRO B 30 10.75 -5.02 -4.43
C PRO B 30 11.91 -4.46 -3.61
N VAL B 31 11.59 -3.91 -2.44
CA VAL B 31 12.61 -3.31 -1.55
C VAL B 31 13.71 -4.30 -1.07
N SER B 32 13.40 -5.61 -1.06
CA SER B 32 14.40 -6.63 -0.70
C SER B 32 15.64 -6.55 -1.58
N ASN B 33 15.49 -5.96 -2.77
CA ASN B 33 16.63 -5.64 -3.68
C ASN B 33 17.70 -4.66 -3.13
N VAL B 34 17.36 -3.82 -2.15
CA VAL B 34 18.33 -2.81 -1.65
C VAL B 34 19.32 -3.38 -0.62
N ASN B 35 19.10 -4.61 -0.15
CA ASN B 35 20.05 -5.21 0.80
C ASN B 35 20.49 -6.65 0.45
N ASP B 36 20.50 -6.96 -0.85
CA ASP B 36 20.79 -8.33 -1.33
C ASP B 36 22.26 -8.51 -1.78
N LYS B 37 23.08 -7.47 -1.59
CA LYS B 37 24.51 -7.48 -1.92
C LYS B 37 24.83 -7.39 -3.41
N LEU B 38 23.79 -7.31 -4.24
N LEU B 38 23.80 -7.30 -4.25
CA LEU B 38 23.96 -7.08 -5.66
CA LEU B 38 23.98 -7.09 -5.67
C LEU B 38 23.87 -5.59 -5.93
C LEU B 38 23.86 -5.60 -5.97
N ILE B 39 24.89 -5.04 -6.58
CA ILE B 39 24.90 -3.65 -6.93
C ILE B 39 24.94 -3.58 -8.43
N SER B 40 23.87 -3.05 -9.02
CA SER B 40 23.80 -2.91 -10.46
C SER B 40 23.23 -1.56 -10.82
N TYR B 41 23.93 -0.84 -11.69
CA TYR B 41 23.45 0.44 -12.13
C TYR B 41 22.82 0.44 -13.53
N ASN B 42 22.54 -0.74 -14.06
CA ASN B 42 21.89 -0.89 -15.37
C ASN B 42 20.91 -2.06 -15.39
N ASN B 43 20.76 -2.71 -16.54
CA ASN B 43 19.81 -3.77 -16.70
C ASN B 43 20.44 -5.12 -16.96
N GLN B 44 21.71 -5.24 -16.59
CA GLN B 44 22.51 -6.44 -16.85
C GLN B 44 23.20 -6.96 -15.59
N PRO B 45 22.40 -7.45 -14.61
CA PRO B 45 20.92 -7.52 -14.56
C PRO B 45 20.26 -6.31 -13.86
N ALA B 46 18.96 -6.12 -14.09
CA ALA B 46 18.18 -5.11 -13.38
C ALA B 46 18.06 -5.50 -11.91
N ASN B 47 18.47 -4.63 -11.00
CA ASN B 47 18.42 -4.90 -9.57
C ASN B 47 18.24 -3.60 -8.80
N ARG B 48 17.02 -3.34 -8.34
CA ARG B 48 16.62 -2.04 -7.75
C ARG B 48 15.26 -2.05 -7.05
N TRP B 49 15.12 -1.18 -6.04
CA TRP B 49 13.81 -0.76 -5.55
C TRP B 49 13.54 0.51 -6.34
N THR B 50 12.31 0.71 -6.82
CA THR B 50 11.87 2.02 -7.31
C THR B 50 10.45 2.27 -6.82
N ASN B 51 10.03 3.53 -6.77
CA ASN B 51 8.59 3.84 -6.73
C ASN B 51 8.10 4.40 -8.08
N TRP B 52 8.68 3.90 -9.16
CA TRP B 52 8.33 4.32 -10.52
C TRP B 52 6.83 4.23 -10.71
N ASN B 53 6.23 5.38 -11.04
CA ASN B 53 4.83 5.43 -11.46
C ASN B 53 3.82 5.09 -10.34
N ARG B 54 4.22 5.26 -9.08
CA ARG B 54 3.30 5.10 -7.94
C ARG B 54 2.55 6.39 -7.74
N SER B 55 1.45 6.32 -7.02
CA SER B 55 0.63 7.51 -6.79
C SER B 55 1.39 8.63 -6.06
N ASN B 56 1.99 8.30 -4.93
CA ASN B 56 2.66 9.30 -4.09
C ASN B 56 4.07 9.58 -4.60
N PRO B 57 4.38 10.85 -4.91
CA PRO B 57 5.74 11.23 -5.33
C PRO B 57 6.76 11.11 -4.20
N GLU B 58 6.28 10.98 -2.97
CA GLU B 58 7.17 10.77 -1.82
C GLU B 58 7.11 9.33 -1.35
N ALA B 59 8.29 8.75 -1.07
CA ALA B 59 8.37 7.39 -0.56
C ALA B 59 9.58 7.24 0.36
N SER B 60 9.54 6.24 1.23
CA SER B 60 10.66 6.00 2.13
C SER B 60 11.17 4.56 2.03
N VAL B 61 12.47 4.41 2.22
CA VAL B 61 13.12 3.11 2.25
C VAL B 61 13.95 3.10 3.53
N GLY B 62 13.86 2.02 4.31
CA GLY B 62 14.65 1.91 5.55
C GLY B 62 15.11 0.51 5.86
N VAL B 63 15.72 0.33 7.03
CA VAL B 63 16.22 -0.98 7.43
C VAL B 63 15.85 -1.15 8.88
N LEU B 64 15.17 -2.27 9.18
CA LEU B 64 14.87 -2.66 10.54
C LEU B 64 15.97 -3.62 10.97
N PHE B 65 16.62 -3.35 12.11
CA PHE B 65 17.86 -4.08 12.46
C PHE B 65 17.69 -5.41 13.20
N GLY B 66 18.71 -6.27 13.03
CA GLY B 66 18.80 -7.52 13.79
C GLY B 66 20.20 -7.76 14.34
N ASP B 67 20.31 -8.62 15.34
CA ASP B 67 21.63 -9.13 15.78
C ASP B 67 21.46 -10.63 16.02
N SER B 68 22.19 -11.44 15.25
CA SER B 68 22.19 -12.90 15.41
C SER B 68 20.79 -13.50 15.28
N GLY B 69 19.99 -12.95 14.36
CA GLY B 69 18.69 -13.49 14.07
C GLY B 69 17.52 -13.00 14.90
N ILE B 70 17.75 -12.05 15.82
CA ILE B 70 16.64 -11.37 16.52
C ILE B 70 16.69 -9.83 16.41
N LEU B 71 15.55 -9.18 16.66
CA LEU B 71 15.44 -7.72 16.69
C LEU B 71 16.44 -7.08 17.65
N SER B 72 17.10 -6.01 17.20
CA SER B 72 18.07 -5.33 18.04
C SER B 72 18.08 -3.82 17.78
N LYS B 73 18.21 -3.03 18.84
CA LYS B 73 18.52 -1.60 18.66
C LYS B 73 19.97 -1.56 18.26
N ARG B 74 20.32 -0.69 17.34
CA ARG B 74 21.71 -0.56 16.93
C ARG B 74 22.14 0.89 17.09
N SER B 75 23.41 1.13 17.34
N SER B 75 23.42 1.09 17.31
CA SER B 75 23.93 2.50 17.39
CA SER B 75 24.04 2.41 17.36
C SER B 75 24.44 2.94 16.03
C SER B 75 24.42 2.87 15.95
N VAL B 76 23.67 3.82 15.39
CA VAL B 76 23.83 4.18 13.98
C VAL B 76 24.31 5.62 13.79
N ASP B 77 25.32 5.82 12.94
CA ASP B 77 25.83 7.18 12.62
C ASP B 77 26.14 7.35 11.14
N ASN B 78 25.59 6.45 10.31
CA ASN B 78 25.87 6.48 8.89
C ASN B 78 24.79 5.80 8.03
N LEU B 79 24.82 6.15 6.74
CA LEU B 79 23.96 5.58 5.69
C LEU B 79 24.64 5.83 4.36
N SER B 80 24.74 4.78 3.55
N SER B 80 24.68 4.79 3.53
CA SER B 80 25.19 4.89 2.18
CA SER B 80 25.22 4.87 2.18
C SER B 80 24.03 4.46 1.28
C SER B 80 24.18 4.36 1.18
N VAL B 81 23.86 5.17 0.16
CA VAL B 81 22.81 4.82 -0.82
C VAL B 81 23.39 4.80 -2.23
N GLY B 82 23.19 3.70 -2.96
CA GLY B 82 23.58 3.63 -4.37
C GLY B 82 22.36 3.88 -5.24
N PHE B 83 22.21 5.11 -5.74
CA PHE B 83 21.08 5.47 -6.62
C PHE B 83 21.27 4.97 -8.04
N HIS B 84 20.15 4.76 -8.73
CA HIS B 84 20.17 4.26 -10.10
C HIS B 84 19.39 5.21 -10.99
N GLU B 85 19.74 5.22 -12.28
CA GLU B 85 19.15 6.14 -13.22
C GLU B 85 18.84 5.49 -14.57
N ASP B 86 17.69 5.86 -15.14
CA ASP B 86 17.40 5.65 -16.57
C ASP B 86 16.49 6.80 -16.97
N HIS B 87 15.74 6.62 -18.07
N HIS B 87 15.75 6.67 -18.08
CA HIS B 87 14.88 7.68 -18.63
CA HIS B 87 14.92 7.78 -18.56
C HIS B 87 13.73 8.07 -17.71
C HIS B 87 13.74 8.10 -17.64
N GLY B 88 13.24 7.08 -16.93
CA GLY B 88 12.08 7.29 -16.06
C GLY B 88 12.29 7.39 -14.55
N VAL B 89 13.45 6.99 -14.03
CA VAL B 89 13.74 7.09 -12.58
C VAL B 89 15.13 7.66 -12.27
N GLY B 90 15.35 8.11 -11.03
CA GLY B 90 16.69 8.53 -10.62
C GLY B 90 16.80 8.89 -9.16
N ALA B 91 17.83 9.64 -8.82
CA ALA B 91 17.95 10.23 -7.50
C ALA B 91 16.78 11.18 -7.25
N PRO B 92 16.40 11.37 -5.97
CA PRO B 92 15.32 12.26 -5.57
C PRO B 92 15.79 13.73 -5.51
N LYS B 93 14.84 14.66 -5.56
CA LYS B 93 15.17 16.08 -5.50
C LYS B 93 15.37 16.57 -4.07
N SER B 94 14.76 15.86 -3.12
CA SER B 94 14.86 16.19 -1.70
C SER B 94 14.61 14.97 -0.81
N TYR B 95 15.12 15.03 0.43
CA TYR B 95 15.09 13.87 1.34
C TYR B 95 15.18 14.29 2.81
N VAL B 96 14.68 13.43 3.69
CA VAL B 96 14.92 13.47 5.13
C VAL B 96 15.40 12.07 5.61
N ILE B 97 16.46 12.04 6.41
CA ILE B 97 16.94 10.80 7.06
C ILE B 97 16.48 10.80 8.51
N GLU B 98 15.76 9.75 8.92
CA GLU B 98 15.12 9.75 10.23
C GLU B 98 15.24 8.43 10.95
N TYR B 99 15.14 8.49 12.28
CA TYR B 99 15.32 7.31 13.08
C TYR B 99 14.07 7.07 13.92
N TYR B 100 13.81 5.79 14.20
CA TYR B 100 12.64 5.36 14.95
C TYR B 100 12.77 5.69 16.43
N VAL B 101 11.80 6.45 16.95
CA VAL B 101 11.74 6.79 18.38
C VAL B 101 10.48 6.26 19.11
N GLY B 102 9.64 5.50 18.41
CA GLY B 102 8.34 5.10 18.99
C GLY B 102 8.49 4.25 20.22
N LYS B 103 7.59 4.42 21.19
CA LYS B 103 7.52 3.55 22.38
C LYS B 103 7.17 2.10 22.03
N THR B 104 6.31 1.91 21.03
CA THR B 104 5.92 0.58 20.61
C THR B 104 7.09 -0.07 19.88
N VAL B 105 7.39 -1.30 20.25
CA VAL B 105 8.41 -2.09 19.56
C VAL B 105 7.84 -2.53 18.21
N PRO B 106 8.50 -2.13 17.10
CA PRO B 106 8.10 -2.54 15.74
C PRO B 106 7.92 -4.06 15.56
N THR B 107 6.93 -4.44 14.76
CA THR B 107 6.80 -5.82 14.28
C THR B 107 7.44 -5.90 12.89
N ALA B 108 7.66 -7.11 12.37
CA ALA B 108 8.09 -7.27 10.98
C ALA B 108 6.88 -7.03 10.06
N PRO B 109 7.02 -6.10 9.09
CA PRO B 109 5.86 -5.82 8.24
C PRO B 109 5.38 -7.09 7.51
N LYS B 110 4.06 -7.21 7.31
CA LYS B 110 3.49 -8.33 6.54
C LYS B 110 3.95 -8.28 5.07
N ASN B 111 4.04 -7.07 4.52
CA ASN B 111 4.54 -6.89 3.17
C ASN B 111 5.54 -5.73 3.14
N PRO B 112 6.83 -6.06 3.38
CA PRO B 112 7.90 -5.10 3.55
C PRO B 112 7.99 -4.08 2.41
N SER B 113 7.56 -4.48 1.21
CA SER B 113 7.61 -3.57 0.05
C SER B 113 6.50 -2.52 0.06
N PHE B 114 5.45 -2.77 0.82
CA PHE B 114 4.27 -1.91 0.84
C PHE B 114 3.77 -1.66 2.28
N VAL B 115 4.63 -1.11 3.15
CA VAL B 115 4.24 -0.82 4.53
C VAL B 115 3.05 0.15 4.66
N GLY B 116 2.92 1.09 3.72
CA GLY B 116 1.72 1.95 3.61
C GLY B 116 0.38 1.24 3.41
N ASN B 117 0.44 -0.04 3.02
CA ASN B 117 -0.76 -0.78 2.68
C ASN B 117 -1.35 -1.57 3.86
N GLU B 118 -0.64 -1.53 5.00
CA GLU B 118 -1.03 -2.22 6.21
C GLU B 118 -0.91 -1.26 7.42
N ASP B 119 -1.52 -1.68 8.53
CA ASP B 119 -1.47 -0.97 9.80
C ASP B 119 -0.12 -1.28 10.48
N HIS B 120 0.73 -0.27 10.62
CA HIS B 120 2.08 -0.49 11.16
C HIS B 120 2.64 0.78 11.76
N VAL B 121 3.40 0.62 12.84
CA VAL B 121 3.91 1.78 13.59
C VAL B 121 4.78 2.71 12.73
N PHE B 122 5.39 2.16 11.69
CA PHE B 122 6.18 2.98 10.74
C PHE B 122 5.36 4.07 10.04
N ASN B 123 4.05 3.82 9.93
CA ASN B 123 3.17 4.78 9.25
C ASN B 123 2.79 6.01 10.11
N ASP B 124 3.20 6.05 11.36
CA ASP B 124 2.89 7.18 12.25
C ASP B 124 4.10 8.09 12.32
N SER B 125 3.95 9.30 11.74
N SER B 125 3.98 9.27 11.72
CA SER B 125 5.02 10.31 11.69
CA SER B 125 5.09 10.25 11.70
C SER B 125 5.56 10.78 13.05
C SER B 125 5.67 10.55 13.09
N ALA B 126 4.81 10.51 14.12
CA ALA B 126 5.26 10.84 15.48
C ALA B 126 6.22 9.76 16.07
N ASN B 127 6.43 8.67 15.34
CA ASN B 127 7.43 7.65 15.73
C ASN B 127 8.81 7.89 15.13
N TRP B 128 8.99 9.02 14.44
CA TRP B 128 10.25 9.34 13.76
C TRP B 128 10.79 10.70 14.19
N LYS B 129 12.10 10.81 14.38
CA LYS B 129 12.74 12.12 14.48
C LYS B 129 13.82 12.23 13.42
N PRO B 130 14.13 13.45 12.97
CA PRO B 130 15.24 13.60 12.00
C PRO B 130 16.63 13.47 12.65
N VAL B 131 17.61 12.92 11.92
CA VAL B 131 18.98 12.83 12.42
C VAL B 131 19.64 14.22 12.58
N THR B 132 20.66 14.33 13.43
CA THR B 132 21.24 15.67 13.66
C THR B 132 22.68 15.74 13.20
N ASN B 133 23.13 16.97 12.96
CA ASN B 133 24.46 17.20 12.39
C ASN B 133 24.76 16.33 11.19
N LEU B 134 23.88 16.42 10.21
CA LEU B 134 24.03 15.65 8.99
C LEU B 134 25.18 16.15 8.12
N LYS B 135 26.02 15.21 7.70
CA LYS B 135 27.00 15.48 6.65
C LYS B 135 26.58 14.70 5.38
N ALA B 136 26.13 15.44 4.38
CA ALA B 136 25.50 14.88 3.18
C ALA B 136 26.37 15.14 1.96
N PRO B 137 26.16 14.41 0.84
CA PRO B 137 26.97 14.72 -0.35
C PRO B 137 26.59 16.09 -0.88
N ALA B 138 27.47 16.69 -1.69
CA ALA B 138 27.20 17.98 -2.33
C ALA B 138 26.00 17.80 -3.27
N GLN B 139 26.00 16.70 -4.01
CA GLN B 139 24.88 16.34 -4.87
C GLN B 139 24.73 14.83 -4.95
N LEU B 140 23.48 14.38 -4.90
CA LEU B 140 23.18 12.95 -5.02
C LEU B 140 23.35 12.53 -6.46
N LYS B 141 24.24 11.56 -6.71
CA LYS B 141 24.49 11.04 -8.05
C LYS B 141 24.11 9.56 -8.16
N ALA B 142 23.38 9.23 -9.23
CA ALA B 142 23.22 7.86 -9.67
C ALA B 142 24.58 7.28 -10.08
N GLY B 143 24.73 5.96 -9.96
CA GLY B 143 25.92 5.29 -10.45
C GLY B 143 27.02 5.00 -9.43
N GLU B 144 26.81 5.41 -8.19
CA GLU B 144 27.81 5.21 -7.13
C GLU B 144 27.13 5.28 -5.74
N MET B 145 27.83 4.81 -4.72
CA MET B 145 27.41 4.95 -3.33
C MET B 145 27.50 6.41 -2.87
N ASN B 146 26.40 6.91 -2.29
CA ASN B 146 26.33 8.27 -1.75
C ASN B 146 26.32 8.19 -0.24
N HIS B 147 27.30 8.82 0.40
CA HIS B 147 27.54 8.62 1.83
C HIS B 147 26.98 9.73 2.74
N PHE B 148 26.26 9.32 3.79
CA PHE B 148 25.82 10.27 4.80
C PHE B 148 26.41 9.89 6.17
N SER B 149 26.67 10.89 7.00
CA SER B 149 26.97 10.65 8.41
C SER B 149 26.20 11.62 9.31
N PHE B 150 26.13 11.31 10.60
CA PHE B 150 25.29 12.12 11.49
C PHE B 150 25.47 11.72 12.93
N ASP B 151 24.89 12.49 13.85
CA ASP B 151 24.95 12.13 15.27
C ASP B 151 24.43 10.71 15.46
N LYS B 152 25.23 9.93 16.18
CA LYS B 152 24.95 8.56 16.53
C LYS B 152 23.67 8.45 17.32
N VAL B 153 22.82 7.48 16.96
CA VAL B 153 21.53 7.26 17.60
C VAL B 153 21.30 5.78 17.79
N GLU B 154 20.70 5.44 18.93
N GLU B 154 20.67 5.41 18.89
CA GLU B 154 20.38 4.08 19.30
CA GLU B 154 20.46 4.01 19.19
C GLU B 154 18.96 3.86 18.82
C GLU B 154 19.00 3.66 18.96
N THR B 155 18.79 2.97 17.85
CA THR B 155 17.46 2.78 17.25
C THR B 155 17.23 1.39 16.66
N TYR B 156 15.96 1.00 16.58
CA TYR B 156 15.54 -0.20 15.86
C TYR B 156 15.51 -0.01 14.33
N ALA B 157 15.38 1.22 13.85
CA ALA B 157 15.24 1.48 12.41
C ALA B 157 15.64 2.88 11.99
N ILE B 158 16.30 2.96 10.83
CA ILE B 158 16.44 4.22 10.13
C ILE B 158 15.78 4.11 8.75
N ARG B 159 15.38 5.26 8.22
CA ARG B 159 14.87 5.36 6.87
C ARG B 159 15.28 6.68 6.24
N ILE B 160 15.30 6.69 4.91
CA ILE B 160 15.44 7.88 4.13
C ILE B 160 14.13 8.12 3.35
N ARG B 161 13.52 9.30 3.56
CA ARG B 161 12.21 9.67 2.99
C ARG B 161 12.43 10.69 1.88
N MET B 162 12.01 10.34 0.65
CA MET B 162 12.50 10.99 -0.55
C MET B 162 11.37 11.44 -1.49
N VAL B 163 11.53 12.61 -2.11
CA VAL B 163 10.62 13.06 -3.17
C VAL B 163 11.32 12.96 -4.50
N LYS B 164 10.66 12.31 -5.46
CA LYS B 164 11.22 12.11 -6.80
C LYS B 164 11.53 13.44 -7.42
N ALA B 165 12.48 13.44 -8.36
CA ALA B 165 12.80 14.61 -9.14
C ALA B 165 11.61 14.94 -10.06
N ASP B 166 11.44 16.21 -10.39
CA ASP B 166 10.33 16.66 -11.25
C ASP B 166 10.30 16.03 -12.63
N ASN B 167 11.47 15.79 -13.22
CA ASN B 167 11.60 15.22 -14.55
C ASN B 167 11.73 13.68 -14.57
N LYS B 168 11.33 13.03 -13.48
CA LYS B 168 11.36 11.58 -13.36
C LYS B 168 9.98 11.08 -12.89
N ARG B 169 9.75 9.78 -13.03
CA ARG B 169 8.50 9.18 -12.55
C ARG B 169 8.69 8.35 -11.26
N GLY B 170 9.89 8.42 -10.70
CA GLY B 170 10.18 7.78 -9.40
C GLY B 170 11.62 7.94 -8.96
N THR B 171 11.89 7.49 -7.73
CA THR B 171 13.24 7.41 -7.17
C THR B 171 13.72 5.97 -7.32
N SER B 172 15.03 5.75 -7.52
CA SER B 172 15.58 4.40 -7.73
C SER B 172 16.86 4.13 -6.92
N ILE B 173 16.89 2.98 -6.22
CA ILE B 173 18.04 2.55 -5.41
C ILE B 173 18.43 1.10 -5.74
N THR B 174 19.69 0.84 -6.13
CA THR B 174 20.18 -0.56 -6.29
C THR B 174 20.60 -1.22 -4.98
N GLU B 175 21.13 -0.43 -4.05
CA GLU B 175 21.63 -1.00 -2.78
C GLU B 175 21.81 0.09 -1.74
N VAL B 176 21.47 -0.21 -0.49
CA VAL B 176 21.90 0.63 0.65
C VAL B 176 22.95 -0.15 1.44
N GLN B 177 23.69 0.54 2.32
CA GLN B 177 24.70 -0.06 3.19
C GLN B 177 24.81 0.81 4.43
N ILE B 178 24.66 0.15 5.59
CA ILE B 178 24.79 0.78 6.90
C ILE B 178 25.82 -0.03 7.70
N PHE B 179 26.72 0.65 8.40
CA PHE B 179 27.83 -0.01 9.09
C PHE B 179 27.81 0.36 10.56
N ALA B 180 28.28 -0.55 11.40
CA ALA B 180 28.52 -0.23 12.81
C ALA B 180 29.95 -0.67 13.18
N LYS B 181 30.81 0.29 13.53
CA LYS B 181 32.19 -0.04 13.91
C LYS B 181 32.26 -0.30 15.41
N GLN B 182 33.07 -1.28 15.78
CA GLN B 182 33.36 -1.64 17.19
C GLN B 182 33.25 -0.48 18.19
#